data_1F5A
#
_entry.id   1F5A
#
_cell.length_a   57.550
_cell.length_b   62.720
_cell.length_c   179.690
_cell.angle_alpha   90.00
_cell.angle_beta   90.00
_cell.angle_gamma   90.00
#
_symmetry.space_group_name_H-M   'P 21 21 21'
#
loop_
_entity.id
_entity.type
_entity.pdbx_description
1 polymer 'POLY(A) POLYMERASE'
2 non-polymer 'MANGANESE (II) ION'
3 non-polymer "3'-DEOXYADENOSINE-5'-TRIPHOSPHATE"
4 non-polymer TRIPHOSPHATE
5 water water
#
_entity_poly.entity_id   1
_entity_poly.type   'polypeptide(L)'
_entity_poly.pdbx_seq_one_letter_code
;(MSE)PFPVTTQGSQQTQPPQKHYGITSPISLAAPKETDCLLTQKLVETLKPFGVFEEEEELQRRILILGKLNNLVKEWI
REISESKNLPQSVIENVGGKIFTFGSYRLGVHTKGADIDALCVAPRHVDRSDFFTSFYDKLKLQEEVKDLRAVEEAFVPV
IKLCFDGIEIDILFARLALQTIPEDLDLRDDSLLKNLDIRCIRSLNGCRVTDEILHLVPNIDNFRLTLRAIKLWAKRHNI
YSNILGFLGGVSWA(MSE)LVARTCQLYPNAIASTLVHKFFLVFSKWEWPNPVLLKQPEECNLNLPVWDPRVNPSDRYHL
(MSE)PIITPAYPQQNSTYNVSVSTR(MSE)V(MSE)VEEFKQGLAITDEILLSKAEWSKLFEAPNFFQKYKHYIVLLAS
APTEKQRLEWVGLVESKIRILVGSLEKNEFITLAHVNPQSFPAPKENPDKEEFRT(MSE)WVIGLVFKKTENSENLSVDL
TYDIQSFTDTVYRQAINSK(MSE)FEVD(MSE)KIAA(MSE)HVKRKQLHQLLPSHVLQKKKKHSTEGV
;
_entity_poly.pdbx_strand_id   A
#
loop_
_chem_comp.id
_chem_comp.type
_chem_comp.name
_chem_comp.formula
3AT non-polymer 3'-DEOXYADENOSINE-5'-TRIPHOSPHATE 'C10 H16 N5 O12 P3'
3PO non-polymer TRIPHOSPHATE 'H5 O10 P3'
MN non-polymer 'MANGANESE (II) ION' 'Mn 2'
#
# COMPACT_ATOMS: atom_id res chain seq x y z
N TYR A 20 23.19 -5.96 -7.96
CA TYR A 20 22.04 -5.81 -7.02
C TYR A 20 20.82 -6.70 -7.26
N GLY A 21 20.30 -6.75 -8.48
CA GLY A 21 19.13 -7.59 -8.72
C GLY A 21 19.45 -9.06 -8.92
N ILE A 22 18.53 -9.81 -9.52
CA ILE A 22 18.75 -11.23 -9.80
C ILE A 22 19.30 -11.38 -11.21
N THR A 23 19.46 -10.25 -11.89
CA THR A 23 20.01 -10.23 -13.24
C THR A 23 21.03 -9.12 -13.28
N SER A 24 21.86 -9.13 -14.31
CA SER A 24 22.84 -8.07 -14.45
C SER A 24 22.06 -6.84 -14.87
N PRO A 25 22.56 -5.65 -14.53
CA PRO A 25 21.79 -4.47 -14.93
C PRO A 25 21.76 -4.31 -16.44
N ILE A 26 20.83 -3.51 -16.93
CA ILE A 26 20.70 -3.27 -18.36
C ILE A 26 21.74 -2.26 -18.83
N SER A 27 22.14 -1.36 -17.94
CA SER A 27 23.09 -0.31 -18.28
C SER A 27 23.71 0.32 -17.05
N LEU A 28 25.01 0.59 -17.11
CA LEU A 28 25.72 1.19 -16.01
C LEU A 28 25.96 2.68 -16.18
N ALA A 29 25.58 3.22 -17.33
CA ALA A 29 25.78 4.63 -17.62
C ALA A 29 25.27 5.56 -16.52
N ALA A 30 26.03 6.63 -16.27
CA ALA A 30 25.63 7.61 -15.28
C ALA A 30 24.96 8.74 -16.02
N PRO A 31 24.30 9.65 -15.29
CA PRO A 31 23.63 10.78 -15.92
C PRO A 31 24.60 11.80 -16.47
N LYS A 32 24.10 12.64 -17.37
CA LYS A 32 24.87 13.72 -17.98
C LYS A 32 24.32 14.96 -17.27
N GLU A 33 25.00 16.10 -17.40
CA GLU A 33 24.51 17.32 -16.75
C GLU A 33 23.11 17.61 -17.25
N THR A 34 22.84 17.18 -18.48
CA THR A 34 21.52 17.34 -19.05
C THR A 34 20.50 16.68 -18.12
N ASP A 35 20.80 15.46 -17.67
CA ASP A 35 19.88 14.75 -16.81
C ASP A 35 19.79 15.37 -15.40
N CYS A 36 20.86 15.98 -14.92
CA CYS A 36 20.79 16.58 -13.60
C CYS A 36 19.72 17.66 -13.60
N LEU A 37 19.76 18.51 -14.62
CA LEU A 37 18.79 19.58 -14.77
C LEU A 37 17.37 19.05 -14.95
N LEU A 38 17.23 17.97 -15.69
CA LEU A 38 15.91 17.37 -15.89
C LEU A 38 15.43 16.81 -14.55
N THR A 39 16.34 16.28 -13.76
CA THR A 39 15.96 15.72 -12.47
C THR A 39 15.50 16.82 -11.53
N GLN A 40 16.13 17.98 -11.64
CA GLN A 40 15.77 19.10 -10.78
C GLN A 40 14.39 19.66 -11.16
N LYS A 41 14.07 19.65 -12.45
CA LYS A 41 12.79 20.14 -12.92
C LYS A 41 11.68 19.22 -12.43
N LEU A 42 11.93 17.92 -12.47
CA LEU A 42 11.00 16.91 -11.99
C LEU A 42 10.69 17.25 -10.52
N VAL A 43 11.72 17.40 -9.72
CA VAL A 43 11.56 17.72 -8.31
C VAL A 43 10.64 18.93 -8.15
N GLU A 44 10.86 19.93 -9.01
CA GLU A 44 10.09 21.15 -8.95
C GLU A 44 8.64 21.09 -9.40
N THR A 45 8.31 20.23 -10.36
CA THR A 45 6.90 20.15 -10.76
C THR A 45 6.16 19.31 -9.73
N LEU A 46 6.90 18.64 -8.85
CA LEU A 46 6.30 17.80 -7.82
C LEU A 46 5.85 18.55 -6.56
N LYS A 47 6.65 19.51 -6.11
CA LYS A 47 6.34 20.28 -4.89
C LYS A 47 4.88 20.71 -4.79
N PRO A 48 4.37 21.43 -5.80
CA PRO A 48 2.98 21.90 -5.80
C PRO A 48 1.96 20.82 -5.44
N PHE A 49 2.29 19.57 -5.75
CA PHE A 49 1.41 18.44 -5.46
C PHE A 49 1.53 17.98 -4.03
N GLY A 50 2.34 18.67 -3.25
CA GLY A 50 2.51 18.31 -1.85
C GLY A 50 3.19 16.98 -1.64
N VAL A 51 3.90 16.51 -2.67
CA VAL A 51 4.61 15.24 -2.61
C VAL A 51 5.65 15.22 -1.50
N PHE A 52 6.24 16.39 -1.22
CA PHE A 52 7.23 16.51 -0.16
C PHE A 52 6.56 16.97 1.10
N GLU A 53 6.72 16.21 2.18
CA GLU A 53 6.15 16.57 3.47
C GLU A 53 6.91 17.80 3.94
N GLU A 54 6.26 18.68 4.69
CA GLU A 54 6.94 19.88 5.17
C GLU A 54 7.94 19.48 6.25
N GLU A 55 9.11 20.10 6.24
CA GLU A 55 10.15 19.78 7.20
C GLU A 55 9.69 19.92 8.64
N GLU A 56 8.89 20.94 8.92
CA GLU A 56 8.40 21.13 10.29
C GLU A 56 7.62 19.91 10.71
N GLU A 57 6.77 19.42 9.82
CA GLU A 57 5.96 18.25 10.11
C GLU A 57 6.83 17.02 10.29
N LEU A 58 7.83 16.88 9.44
CA LEU A 58 8.73 15.74 9.54
C LEU A 58 9.42 15.74 10.90
N GLN A 59 9.78 16.94 11.37
CA GLN A 59 10.46 17.09 12.65
C GLN A 59 9.49 16.75 13.76
N ARG A 60 8.25 17.17 13.59
CA ARG A 60 7.21 16.91 14.57
C ARG A 60 6.91 15.40 14.65
N ARG A 61 6.88 14.72 13.51
CA ARG A 61 6.63 13.28 13.51
C ARG A 61 7.78 12.59 14.23
N ILE A 62 9.00 13.02 13.92
CA ILE A 62 10.19 12.44 14.52
C ILE A 62 10.17 12.51 16.05
N LEU A 63 9.72 13.65 16.57
CA LEU A 63 9.65 13.85 18.02
C LEU A 63 8.53 13.04 18.63
N ILE A 64 7.48 12.78 17.86
CA ILE A 64 6.37 12.00 18.36
C ILE A 64 6.82 10.54 18.46
N LEU A 65 7.49 10.05 17.43
CA LEU A 65 7.97 8.68 17.45
C LEU A 65 8.90 8.45 18.61
N GLY A 66 9.78 9.41 18.87
CA GLY A 66 10.72 9.32 19.98
C GLY A 66 9.98 9.12 21.28
N LYS A 67 8.97 9.95 21.50
CA LYS A 67 8.16 9.84 22.70
C LYS A 67 7.57 8.44 22.80
N LEU A 68 7.01 7.97 21.70
CA LEU A 68 6.40 6.63 21.64
C LEU A 68 7.38 5.54 22.03
N ASN A 69 8.56 5.62 21.43
CA ASN A 69 9.63 4.67 21.65
C ASN A 69 9.98 4.66 23.13
N ASN A 70 9.97 5.83 23.75
CA ASN A 70 10.29 5.91 25.16
C ASN A 70 9.15 5.29 25.96
N LEU A 71 7.92 5.43 25.46
CA LEU A 71 6.77 4.86 26.14
C LEU A 71 6.84 3.34 26.10
N VAL A 72 7.38 2.84 25.00
CA VAL A 72 7.54 1.41 24.80
C VAL A 72 8.60 0.89 25.77
N LYS A 73 9.74 1.57 25.82
CA LYS A 73 10.82 1.17 26.72
C LYS A 73 10.35 1.21 28.16
N GLU A 74 9.66 2.29 28.52
CA GLU A 74 9.12 2.44 29.87
C GLU A 74 8.28 1.19 30.18
N TRP A 75 7.23 1.01 29.38
CA TRP A 75 6.32 -0.12 29.52
C TRP A 75 7.03 -1.47 29.67
N ILE A 76 7.90 -1.80 28.73
CA ILE A 76 8.63 -3.07 28.79
C ILE A 76 9.44 -3.15 30.09
N ARG A 77 10.09 -2.06 30.45
CA ARG A 77 10.86 -2.01 31.70
C ARG A 77 9.92 -2.42 32.84
N GLU A 78 8.78 -1.75 32.90
CA GLU A 78 7.77 -2.01 33.94
C GLU A 78 7.37 -3.47 33.93
N ILE A 79 7.00 -4.02 32.77
CA ILE A 79 6.62 -5.42 32.73
C ILE A 79 7.78 -6.25 33.27
N SER A 80 8.99 -5.95 32.81
CA SER A 80 10.18 -6.66 33.25
C SER A 80 10.26 -6.75 34.76
N GLU A 81 10.03 -5.64 35.44
CA GLU A 81 10.08 -5.62 36.90
C GLU A 81 8.98 -6.50 37.52
N SER A 82 7.75 -6.33 37.07
CA SER A 82 6.63 -7.11 37.59
C SER A 82 6.87 -8.62 37.41
N LYS A 83 7.75 -8.99 36.50
CA LYS A 83 8.05 -10.40 36.29
C LYS A 83 9.28 -10.74 37.11
N ASN A 84 9.73 -9.76 37.89
CA ASN A 84 10.88 -9.91 38.77
C ASN A 84 12.18 -10.40 38.14
N LEU A 85 12.46 -10.02 36.89
CA LEU A 85 13.69 -10.46 36.27
C LEU A 85 14.86 -9.76 36.97
N PRO A 86 16.09 -10.28 36.83
CA PRO A 86 17.27 -9.67 37.46
C PRO A 86 17.57 -8.27 36.91
N GLN A 87 18.35 -7.50 37.64
CA GLN A 87 18.71 -6.15 37.21
C GLN A 87 19.77 -6.13 36.10
N SER A 88 20.49 -7.22 35.94
CA SER A 88 21.51 -7.30 34.89
C SER A 88 20.75 -7.45 33.58
N VAL A 89 19.46 -7.74 33.72
CA VAL A 89 18.57 -7.93 32.58
C VAL A 89 17.56 -6.77 32.51
N ILE A 90 16.86 -6.52 33.62
CA ILE A 90 15.88 -5.44 33.66
C ILE A 90 16.43 -4.16 33.07
N GLU A 91 17.70 -3.88 33.34
CA GLU A 91 18.34 -2.68 32.83
C GLU A 91 18.76 -2.79 31.37
N ASN A 92 19.03 -4.01 30.94
CA ASN A 92 19.45 -4.25 29.56
C ASN A 92 18.36 -4.75 28.62
N VAL A 93 17.19 -5.05 29.16
CA VAL A 93 16.08 -5.50 28.33
C VAL A 93 15.83 -4.31 27.44
N GLY A 94 15.63 -4.56 26.16
CA GLY A 94 15.42 -3.44 25.26
C GLY A 94 13.99 -2.99 25.09
N GLY A 95 13.56 -2.99 23.83
CA GLY A 95 12.22 -2.55 23.51
C GLY A 95 12.42 -1.42 22.54
N LYS A 96 11.77 -1.52 21.40
CA LYS A 96 11.94 -0.49 20.40
C LYS A 96 10.77 -0.50 19.44
N ILE A 97 10.44 0.68 18.91
CA ILE A 97 9.38 0.80 17.94
C ILE A 97 10.11 0.90 16.59
N PHE A 98 9.59 0.20 15.58
CA PHE A 98 10.19 0.22 14.23
C PHE A 98 9.13 0.77 13.27
N THR A 99 9.47 1.78 12.48
CA THR A 99 8.51 2.32 11.52
C THR A 99 8.73 1.55 10.22
N PHE A 100 7.68 1.32 9.46
CA PHE A 100 7.84 0.63 8.19
C PHE A 100 6.92 1.24 7.15
N GLY A 101 6.86 0.63 5.98
CA GLY A 101 6.00 1.16 4.95
C GLY A 101 6.48 2.48 4.39
N SER A 102 5.52 3.28 3.91
CA SER A 102 5.80 4.57 3.28
C SER A 102 6.59 5.58 4.08
N TYR A 103 6.21 5.79 5.34
CA TYR A 103 6.95 6.76 6.13
C TYR A 103 8.42 6.33 6.24
N ARG A 104 8.64 5.02 6.28
CA ARG A 104 9.98 4.48 6.40
C ARG A 104 10.76 4.64 5.10
N LEU A 105 10.05 4.53 3.98
CA LEU A 105 10.67 4.66 2.65
C LEU A 105 10.98 6.12 2.34
N GLY A 106 10.43 7.01 3.16
CA GLY A 106 10.67 8.42 2.93
C GLY A 106 9.74 9.03 1.91
N VAL A 107 8.62 8.38 1.61
CA VAL A 107 7.66 8.90 0.65
C VAL A 107 6.26 8.87 1.26
N HIS A 108 6.16 9.23 2.53
CA HIS A 108 4.87 9.23 3.22
C HIS A 108 3.83 10.11 2.54
N THR A 109 2.65 9.53 2.38
CA THR A 109 1.52 10.21 1.75
C THR A 109 0.86 11.16 2.77
N LYS A 110 1.00 12.46 2.57
CA LYS A 110 0.40 13.46 3.47
C LYS A 110 -1.09 13.17 3.67
N GLY A 111 -1.47 12.91 4.92
CA GLY A 111 -2.85 12.59 5.23
C GLY A 111 -2.95 11.16 5.74
N ALA A 112 -1.93 10.35 5.41
CA ALA A 112 -1.89 8.96 5.82
C ALA A 112 -1.24 8.79 7.20
N ASP A 113 -1.51 7.66 7.82
CA ASP A 113 -0.95 7.39 9.14
C ASP A 113 0.53 7.02 9.05
N ILE A 114 1.09 6.67 10.20
CA ILE A 114 2.46 6.25 10.32
C ILE A 114 2.37 4.83 10.87
N ASP A 115 2.84 3.86 10.09
CA ASP A 115 2.80 2.48 10.52
C ASP A 115 4.05 2.15 11.32
N ALA A 116 3.86 1.46 12.43
CA ALA A 116 4.97 1.08 13.29
C ALA A 116 4.78 -0.24 14.01
N LEU A 117 5.91 -0.92 14.23
CA LEU A 117 5.94 -2.20 14.91
C LEU A 117 6.62 -2.06 16.28
N CYS A 118 5.93 -2.52 17.32
CA CYS A 118 6.51 -2.48 18.66
C CYS A 118 7.18 -3.83 18.88
N VAL A 119 8.51 -3.82 18.98
CA VAL A 119 9.25 -5.07 19.18
C VAL A 119 9.68 -5.20 20.64
N ALA A 120 9.17 -6.25 21.28
CA ALA A 120 9.46 -6.53 22.68
C ALA A 120 10.08 -7.92 22.86
N PRO A 121 10.82 -8.12 23.97
CA PRO A 121 11.49 -9.37 24.30
C PRO A 121 10.50 -10.48 24.73
N ARG A 122 11.03 -11.70 24.90
CA ARG A 122 10.25 -12.89 25.27
C ARG A 122 9.21 -12.71 26.40
N HIS A 123 9.67 -12.24 27.56
CA HIS A 123 8.80 -12.08 28.71
C HIS A 123 7.63 -11.11 28.60
N VAL A 124 7.35 -10.61 27.40
CA VAL A 124 6.23 -9.71 27.24
C VAL A 124 5.22 -10.34 26.30
N ASP A 125 4.02 -10.60 26.80
CA ASP A 125 2.95 -11.23 26.02
C ASP A 125 2.12 -10.23 25.21
N ARG A 126 1.38 -10.74 24.24
CA ARG A 126 0.53 -9.88 23.42
C ARG A 126 -0.56 -9.36 24.31
N SER A 127 -0.94 -10.16 25.31
CA SER A 127 -1.99 -9.74 26.21
C SER A 127 -1.54 -8.48 26.93
N ASP A 128 -0.25 -8.37 27.21
CA ASP A 128 0.28 -7.18 27.88
C ASP A 128 0.13 -5.95 26.99
N PHE A 129 0.40 -6.13 25.70
CA PHE A 129 0.28 -5.05 24.73
C PHE A 129 -1.11 -4.43 24.77
N PHE A 130 -2.14 -5.26 24.61
CA PHE A 130 -3.52 -4.78 24.63
C PHE A 130 -4.06 -4.46 26.03
N THR A 131 -3.24 -4.67 27.07
CA THR A 131 -3.68 -4.34 28.41
C THR A 131 -2.85 -3.18 29.01
N SER A 132 -1.71 -3.51 29.63
CA SER A 132 -0.87 -2.49 30.26
C SER A 132 -0.34 -1.39 29.34
N PHE A 133 0.18 -1.76 28.17
CA PHE A 133 0.69 -0.76 27.23
C PHE A 133 -0.46 0.13 26.74
N TYR A 134 -1.59 -0.52 26.43
CA TYR A 134 -2.78 0.16 25.96
C TYR A 134 -3.26 1.21 26.98
N ASP A 135 -3.24 0.81 28.25
CA ASP A 135 -3.65 1.69 29.34
C ASP A 135 -2.66 2.83 29.55
N LYS A 136 -1.40 2.60 29.18
CA LYS A 136 -0.40 3.64 29.30
C LYS A 136 -0.69 4.70 28.24
N LEU A 137 -0.95 4.28 27.01
CA LEU A 137 -1.25 5.24 25.96
C LEU A 137 -2.56 5.96 26.29
N LYS A 138 -3.48 5.25 26.92
CA LYS A 138 -4.76 5.83 27.29
C LYS A 138 -4.59 7.11 28.11
N LEU A 139 -3.64 7.09 29.05
CA LEU A 139 -3.42 8.24 29.92
C LEU A 139 -2.31 9.20 29.51
N GLN A 140 -2.15 9.42 28.21
CA GLN A 140 -1.13 10.33 27.71
C GLN A 140 -1.82 11.53 27.08
N GLU A 141 -1.47 12.72 27.53
CA GLU A 141 -2.08 13.96 27.02
C GLU A 141 -2.29 13.99 25.51
N GLU A 142 -1.26 13.61 24.76
CA GLU A 142 -1.31 13.65 23.31
C GLU A 142 -2.15 12.56 22.63
N VAL A 143 -2.49 11.50 23.38
CA VAL A 143 -3.26 10.40 22.82
C VAL A 143 -4.76 10.60 22.82
N LYS A 144 -5.35 10.54 21.62
CA LYS A 144 -6.77 10.68 21.48
C LYS A 144 -7.25 9.70 20.42
N ASP A 145 -8.43 9.15 20.62
CA ASP A 145 -8.99 8.21 19.66
C ASP A 145 -8.29 6.85 19.77
N LEU A 146 -7.98 6.45 20.99
CA LEU A 146 -7.32 5.18 21.25
C LEU A 146 -8.30 4.03 20.97
N ARG A 147 -7.95 3.15 20.04
CA ARG A 147 -8.84 2.04 19.73
C ARG A 147 -8.04 0.78 19.41
N ALA A 148 -8.39 -0.31 20.05
CA ALA A 148 -7.71 -1.58 19.82
C ALA A 148 -8.49 -2.45 18.85
N VAL A 149 -7.75 -3.21 18.04
CA VAL A 149 -8.34 -4.14 17.09
C VAL A 149 -7.46 -5.37 17.19
N GLU A 150 -7.47 -6.00 18.37
CA GLU A 150 -6.62 -7.15 18.59
C GLU A 150 -7.13 -8.46 18.02
N GLU A 151 -8.25 -8.40 17.30
CA GLU A 151 -8.79 -9.62 16.75
C GLU A 151 -8.67 -9.65 15.23
N ALA A 152 -7.88 -8.74 14.67
CA ALA A 152 -7.69 -8.68 13.23
C ALA A 152 -6.55 -9.57 12.75
N PHE A 153 -6.44 -9.73 11.43
CA PHE A 153 -5.38 -10.53 10.81
C PHE A 153 -4.08 -10.15 11.50
N VAL A 154 -3.82 -8.85 11.53
CA VAL A 154 -2.63 -8.33 12.19
C VAL A 154 -3.13 -7.48 13.35
N PRO A 155 -3.00 -8.00 14.58
CA PRO A 155 -3.47 -7.21 15.72
C PRO A 155 -2.85 -5.81 15.66
N VAL A 156 -3.66 -4.80 15.94
CA VAL A 156 -3.17 -3.43 15.90
C VAL A 156 -3.87 -2.52 16.90
N ILE A 157 -3.12 -1.53 17.39
CA ILE A 157 -3.65 -0.52 18.29
C ILE A 157 -3.53 0.76 17.46
N LYS A 158 -4.66 1.40 17.20
CA LYS A 158 -4.68 2.63 16.41
C LYS A 158 -4.88 3.80 17.35
N LEU A 159 -4.35 4.97 16.98
CA LEU A 159 -4.52 6.15 17.82
C LEU A 159 -4.00 7.40 17.14
N CYS A 160 -4.50 8.54 17.57
CA CYS A 160 -4.07 9.82 17.01
C CYS A 160 -3.19 10.41 18.10
N PHE A 161 -1.88 10.42 17.83
CA PHE A 161 -0.90 10.93 18.77
C PHE A 161 -0.44 12.34 18.42
N ASP A 162 -1.00 13.32 19.13
CA ASP A 162 -0.67 14.72 18.92
C ASP A 162 -1.02 15.12 17.50
N GLY A 163 -2.18 14.67 17.01
CA GLY A 163 -2.62 15.01 15.67
C GLY A 163 -2.11 14.10 14.55
N ILE A 164 -1.21 13.18 14.88
CA ILE A 164 -0.67 12.27 13.89
C ILE A 164 -1.37 10.92 14.04
N GLU A 165 -1.78 10.34 12.91
CA GLU A 165 -2.46 9.06 12.95
C GLU A 165 -1.41 7.94 12.98
N ILE A 166 -1.50 7.07 13.97
CA ILE A 166 -0.56 5.98 14.11
C ILE A 166 -1.17 4.61 14.34
N ASP A 167 -0.59 3.62 13.69
CA ASP A 167 -0.99 2.21 13.78
C ASP A 167 0.17 1.49 14.46
N ILE A 168 -0.11 0.71 15.49
CA ILE A 168 0.95 0.03 16.18
C ILE A 168 0.75 -1.50 16.20
N LEU A 169 1.69 -2.23 15.60
CA LEU A 169 1.61 -3.70 15.59
C LEU A 169 2.53 -4.19 16.70
N PHE A 170 2.31 -5.41 17.17
CA PHE A 170 3.15 -5.94 18.23
C PHE A 170 3.81 -7.23 17.77
N ALA A 171 5.03 -7.45 18.25
CA ALA A 171 5.75 -8.67 17.91
C ALA A 171 6.61 -9.02 19.10
N ARG A 172 6.42 -10.24 19.57
CA ARG A 172 7.13 -10.75 20.72
C ARG A 172 8.22 -11.72 20.26
N LEU A 173 9.46 -11.27 20.26
CA LEU A 173 10.57 -12.11 19.82
C LEU A 173 11.12 -13.02 20.92
N ALA A 174 11.79 -14.09 20.51
CA ALA A 174 12.37 -15.04 21.45
C ALA A 174 13.77 -14.57 21.84
N LEU A 175 13.84 -13.43 22.51
CA LEU A 175 15.10 -12.87 22.95
C LEU A 175 14.92 -12.40 24.39
N GLN A 176 15.99 -12.42 25.17
CA GLN A 176 15.90 -11.95 26.54
C GLN A 176 15.83 -10.44 26.46
N THR A 177 16.58 -9.87 25.52
CA THR A 177 16.62 -8.42 25.31
C THR A 177 16.57 -8.06 23.84
N ILE A 178 16.04 -6.87 23.56
CA ILE A 178 15.96 -6.37 22.20
C ILE A 178 17.12 -5.42 22.01
N PRO A 179 18.21 -5.88 21.39
CA PRO A 179 19.38 -5.01 21.16
C PRO A 179 19.05 -3.85 20.21
N GLU A 180 19.57 -2.68 20.53
CA GLU A 180 19.33 -1.50 19.70
C GLU A 180 19.57 -1.72 18.21
N ASP A 181 20.60 -2.48 17.87
CA ASP A 181 20.94 -2.73 16.48
C ASP A 181 20.20 -3.90 15.82
N LEU A 182 19.24 -4.49 16.52
CA LEU A 182 18.48 -5.62 16.00
C LEU A 182 18.09 -5.34 14.55
N ASP A 183 18.33 -6.34 13.69
CA ASP A 183 17.99 -6.26 12.27
C ASP A 183 16.94 -7.36 12.06
N LEU A 184 15.68 -6.96 11.90
CA LEU A 184 14.58 -7.89 11.73
C LEU A 184 14.56 -8.72 10.44
N ARG A 185 15.55 -8.53 9.57
CA ARG A 185 15.61 -9.29 8.32
C ARG A 185 16.03 -10.73 8.56
N ASP A 186 16.75 -10.95 9.66
CA ASP A 186 17.24 -12.27 10.07
C ASP A 186 16.11 -13.31 10.13
N ASP A 187 16.08 -14.24 9.18
CA ASP A 187 15.03 -15.25 9.15
C ASP A 187 14.96 -16.14 10.39
N SER A 188 16.01 -16.18 11.18
CA SER A 188 15.99 -17.03 12.37
C SER A 188 15.05 -16.45 13.44
N LEU A 189 14.69 -15.17 13.30
CA LEU A 189 13.80 -14.52 14.26
C LEU A 189 12.35 -15.03 14.20
N LEU A 190 11.92 -15.53 13.05
CA LEU A 190 10.54 -16.02 12.90
C LEU A 190 10.33 -17.45 13.42
N LYS A 191 11.39 -18.23 13.52
CA LYS A 191 11.27 -19.61 13.97
C LYS A 191 10.51 -19.79 15.26
N ASN A 192 9.51 -20.68 15.21
CA ASN A 192 8.68 -21.00 16.37
C ASN A 192 7.65 -19.96 16.81
N LEU A 193 7.76 -18.73 16.30
CA LEU A 193 6.82 -17.67 16.66
C LEU A 193 5.39 -17.97 16.26
N ASP A 194 4.45 -17.32 16.95
CA ASP A 194 3.02 -17.44 16.68
C ASP A 194 2.79 -16.72 15.35
N ILE A 195 1.82 -17.18 14.55
CA ILE A 195 1.57 -16.53 13.27
C ILE A 195 1.19 -15.06 13.42
N ARG A 196 0.51 -14.74 14.51
CA ARG A 196 0.13 -13.36 14.74
C ARG A 196 1.40 -12.53 14.88
N CYS A 197 2.42 -13.10 15.53
CA CYS A 197 3.69 -12.40 15.70
C CYS A 197 4.40 -12.30 14.34
N ILE A 198 4.40 -13.41 13.60
CA ILE A 198 5.05 -13.48 12.27
C ILE A 198 4.46 -12.48 11.28
N ARG A 199 3.13 -12.39 11.22
CA ARG A 199 2.49 -11.46 10.32
C ARG A 199 2.82 -10.01 10.68
N SER A 200 2.89 -9.73 11.97
CA SER A 200 3.22 -8.40 12.44
C SER A 200 4.64 -7.98 12.08
N LEU A 201 5.47 -8.93 11.67
CA LEU A 201 6.84 -8.60 11.33
C LEU A 201 7.05 -8.34 9.84
N ASN A 202 6.17 -8.91 9.03
CA ASN A 202 6.27 -8.79 7.58
C ASN A 202 6.50 -7.39 7.02
N GLY A 203 5.70 -6.43 7.47
CA GLY A 203 5.83 -5.06 7.00
C GLY A 203 7.25 -4.55 7.11
N CYS A 204 7.82 -4.60 8.31
CA CYS A 204 9.19 -4.15 8.52
C CYS A 204 10.20 -4.89 7.65
N ARG A 205 10.09 -6.21 7.63
CA ARG A 205 11.03 -6.99 6.85
C ARG A 205 10.97 -6.64 5.38
N VAL A 206 9.76 -6.51 4.83
CA VAL A 206 9.61 -6.16 3.43
C VAL A 206 10.26 -4.82 3.17
N THR A 207 9.90 -3.83 3.99
CA THR A 207 10.44 -2.50 3.86
C THR A 207 11.95 -2.50 3.99
N ASP A 208 12.46 -3.17 5.00
CA ASP A 208 13.89 -3.18 5.19
C ASP A 208 14.62 -3.90 4.06
N GLU A 209 14.00 -4.94 3.51
CA GLU A 209 14.62 -5.67 2.40
C GLU A 209 14.76 -4.68 1.26
N ILE A 210 13.64 -4.10 0.86
CA ILE A 210 13.62 -3.15 -0.24
C ILE A 210 14.75 -2.13 -0.12
N LEU A 211 14.87 -1.50 1.04
CA LEU A 211 15.91 -0.49 1.23
C LEU A 211 17.32 -1.03 1.02
N HIS A 212 17.56 -2.28 1.39
CA HIS A 212 18.88 -2.86 1.20
C HIS A 212 19.01 -3.51 -0.18
N LEU A 213 17.97 -3.44 -0.98
CA LEU A 213 18.00 -4.06 -2.29
C LEU A 213 18.12 -3.09 -3.46
N VAL A 214 18.34 -1.82 -3.14
CA VAL A 214 18.45 -0.83 -4.18
C VAL A 214 19.85 -0.19 -4.07
N PRO A 215 20.47 0.11 -5.22
CA PRO A 215 21.82 0.71 -5.22
C PRO A 215 21.97 2.14 -4.70
N ASN A 216 20.94 2.97 -4.85
CA ASN A 216 20.99 4.35 -4.35
C ASN A 216 19.62 4.74 -3.79
N ILE A 217 19.51 4.74 -2.46
CA ILE A 217 18.29 5.07 -1.75
C ILE A 217 17.68 6.39 -2.23
N ASP A 218 18.49 7.44 -2.24
CA ASP A 218 18.04 8.75 -2.65
C ASP A 218 17.41 8.78 -4.03
N ASN A 219 18.08 8.21 -5.02
CA ASN A 219 17.55 8.19 -6.37
C ASN A 219 16.27 7.36 -6.40
N PHE A 220 16.28 6.28 -5.63
CA PHE A 220 15.12 5.41 -5.52
C PHE A 220 13.93 6.22 -4.95
N ARG A 221 14.20 6.92 -3.86
CA ARG A 221 13.20 7.74 -3.18
C ARG A 221 12.49 8.74 -4.10
N LEU A 222 13.27 9.56 -4.79
CA LEU A 222 12.70 10.54 -5.68
C LEU A 222 11.86 9.89 -6.78
N THR A 223 12.34 8.77 -7.33
CA THR A 223 11.61 8.08 -8.38
C THR A 223 10.28 7.57 -7.86
N LEU A 224 10.31 6.91 -6.70
CA LEU A 224 9.08 6.39 -6.08
C LEU A 224 8.06 7.53 -5.92
N ARG A 225 8.53 8.68 -5.43
CA ARG A 225 7.65 9.84 -5.26
C ARG A 225 6.89 10.13 -6.55
N ALA A 226 7.64 10.23 -7.64
CA ALA A 226 7.09 10.50 -8.95
C ALA A 226 6.10 9.43 -9.36
N ILE A 227 6.54 8.17 -9.35
CA ILE A 227 5.68 7.08 -9.74
C ILE A 227 4.38 7.00 -8.94
N LYS A 228 4.45 7.17 -7.63
CA LYS A 228 3.23 7.09 -6.82
C LYS A 228 2.23 8.17 -7.18
N LEU A 229 2.74 9.38 -7.43
CA LEU A 229 1.88 10.50 -7.80
C LEU A 229 1.24 10.14 -9.14
N TRP A 230 2.09 9.73 -10.07
CA TRP A 230 1.64 9.35 -11.41
C TRP A 230 0.51 8.32 -11.40
N ALA A 231 0.70 7.24 -10.66
CA ALA A 231 -0.32 6.20 -10.57
C ALA A 231 -1.61 6.78 -10.01
N LYS A 232 -1.48 7.64 -9.00
CA LYS A 232 -2.64 8.24 -8.39
C LYS A 232 -3.37 9.12 -9.40
N ARG A 233 -2.65 10.03 -10.03
CA ARG A 233 -3.27 10.92 -10.99
C ARG A 233 -3.85 10.16 -12.17
N HIS A 234 -3.38 8.93 -12.37
CA HIS A 234 -3.89 8.15 -13.49
C HIS A 234 -4.90 7.07 -13.13
N ASN A 235 -5.46 7.19 -11.94
CA ASN A 235 -6.50 6.27 -11.50
C ASN A 235 -6.11 4.80 -11.50
N ILE A 236 -4.89 4.49 -11.12
CA ILE A 236 -4.49 3.09 -11.07
C ILE A 236 -3.74 2.82 -9.79
N TYR A 237 -4.12 3.52 -8.73
CA TYR A 237 -3.49 3.37 -7.43
C TYR A 237 -4.48 2.85 -6.39
N SER A 238 -4.42 1.55 -6.13
CA SER A 238 -5.32 0.91 -5.17
C SER A 238 -5.07 -0.59 -5.10
N ASN A 239 -4.60 -1.09 -3.96
CA ASN A 239 -4.37 -2.51 -3.85
C ASN A 239 -5.72 -3.23 -3.77
N ILE A 240 -6.62 -2.67 -2.97
CA ILE A 240 -7.96 -3.25 -2.76
C ILE A 240 -8.74 -3.51 -4.04
N LEU A 241 -8.67 -2.56 -4.98
CA LEU A 241 -9.41 -2.65 -6.23
C LEU A 241 -8.72 -3.35 -7.42
N GLY A 242 -7.60 -4.01 -7.17
CA GLY A 242 -6.95 -4.74 -8.25
C GLY A 242 -5.76 -4.07 -8.93
N PHE A 243 -5.42 -2.86 -8.52
CA PHE A 243 -4.27 -2.17 -9.10
C PHE A 243 -3.14 -2.32 -8.09
N LEU A 244 -2.25 -1.34 -8.03
CA LEU A 244 -1.15 -1.47 -7.08
C LEU A 244 -1.25 -0.53 -5.88
N GLY A 245 -0.66 -0.97 -4.77
CA GLY A 245 -0.59 -0.16 -3.56
C GLY A 245 0.83 0.39 -3.45
N GLY A 246 1.11 1.12 -2.38
CA GLY A 246 2.44 1.70 -2.18
C GLY A 246 3.59 0.73 -2.24
N VAL A 247 3.51 -0.38 -1.50
CA VAL A 247 4.57 -1.39 -1.47
C VAL A 247 4.83 -1.95 -2.86
N SER A 248 3.74 -2.22 -3.59
CA SER A 248 3.87 -2.75 -4.93
C SER A 248 4.56 -1.74 -5.85
N TRP A 249 4.15 -0.49 -5.77
CA TRP A 249 4.81 0.52 -6.60
C TRP A 249 6.28 0.63 -6.19
N ALA A 250 6.54 0.55 -4.89
CA ALA A 250 7.92 0.65 -4.43
C ALA A 250 8.76 -0.48 -5.04
N MSE A 251 8.21 -1.70 -5.09
CA MSE A 251 8.99 -2.80 -5.67
C MSE A 251 9.23 -2.66 -7.17
O MSE A 251 10.26 -3.08 -7.68
CB MSE A 251 8.33 -4.13 -5.34
CG MSE A 251 8.36 -4.42 -3.84
SE MSE A 251 7.75 -6.18 -3.31
CE MSE A 251 5.92 -6.06 -3.92
N LEU A 252 8.30 -2.05 -7.90
CA LEU A 252 8.53 -1.87 -9.31
C LEU A 252 9.66 -0.85 -9.50
N VAL A 253 9.63 0.24 -8.73
CA VAL A 253 10.67 1.25 -8.83
C VAL A 253 12.02 0.67 -8.45
N ALA A 254 12.03 -0.16 -7.40
CA ALA A 254 13.28 -0.76 -6.95
C ALA A 254 13.90 -1.63 -8.03
N ARG A 255 13.09 -2.49 -8.66
CA ARG A 255 13.61 -3.36 -9.70
C ARG A 255 14.21 -2.50 -10.80
N THR A 256 13.56 -1.37 -11.08
CA THR A 256 14.00 -0.42 -12.10
C THR A 256 15.37 0.15 -11.69
N CYS A 257 15.52 0.41 -10.40
CA CYS A 257 16.76 0.97 -9.89
C CYS A 257 17.89 -0.04 -9.98
N GLN A 258 17.59 -1.31 -9.65
CA GLN A 258 18.60 -2.35 -9.72
C GLN A 258 19.14 -2.44 -11.14
N LEU A 259 18.26 -2.24 -12.11
CA LEU A 259 18.64 -2.31 -13.52
C LEU A 259 19.46 -1.11 -14.05
N TYR A 260 19.29 0.06 -13.45
CA TYR A 260 20.02 1.26 -13.87
C TYR A 260 20.57 1.90 -12.62
N PRO A 261 21.52 1.21 -11.96
CA PRO A 261 22.22 1.53 -10.72
C PRO A 261 22.89 2.88 -10.56
N ASN A 262 23.27 3.52 -11.66
CA ASN A 262 23.94 4.82 -11.59
C ASN A 262 23.06 5.95 -12.12
N ALA A 263 21.86 5.61 -12.59
CA ALA A 263 20.95 6.63 -13.10
C ALA A 263 20.29 7.43 -11.97
N ILE A 264 19.83 8.63 -12.28
CA ILE A 264 19.14 9.46 -11.31
C ILE A 264 17.64 9.50 -11.68
N ALA A 265 16.81 9.88 -10.71
CA ALA A 265 15.34 9.92 -10.88
C ALA A 265 14.85 10.23 -12.31
N SER A 266 15.37 11.30 -12.88
CA SER A 266 15.00 11.73 -14.22
C SER A 266 14.93 10.55 -15.20
N THR A 267 16.04 9.87 -15.40
CA THR A 267 16.05 8.76 -16.32
C THR A 267 15.41 7.52 -15.73
N LEU A 268 15.44 7.41 -14.40
CA LEU A 268 14.82 6.26 -13.73
C LEU A 268 13.31 6.24 -13.99
N VAL A 269 12.64 7.39 -13.87
CA VAL A 269 11.20 7.45 -14.11
C VAL A 269 10.94 7.01 -15.55
N HIS A 270 11.78 7.49 -16.46
CA HIS A 270 11.63 7.12 -17.85
C HIS A 270 11.92 5.62 -18.03
N LYS A 271 12.98 5.14 -17.40
CA LYS A 271 13.32 3.71 -17.53
C LYS A 271 12.21 2.88 -16.92
N PHE A 272 11.59 3.40 -15.86
CA PHE A 272 10.51 2.70 -15.22
C PHE A 272 9.46 2.28 -16.28
N PHE A 273 9.08 3.24 -17.13
CA PHE A 273 8.06 3.02 -18.16
C PHE A 273 8.54 2.14 -19.29
N LEU A 274 9.79 2.30 -19.66
CA LEU A 274 10.37 1.52 -20.72
C LEU A 274 10.31 0.06 -20.28
N VAL A 275 10.81 -0.19 -19.08
CA VAL A 275 10.86 -1.53 -18.53
C VAL A 275 9.53 -2.20 -18.29
N PHE A 276 8.55 -1.51 -17.70
CA PHE A 276 7.29 -2.19 -17.48
C PHE A 276 6.26 -2.11 -18.60
N SER A 277 6.29 -1.06 -19.40
CA SER A 277 5.35 -1.00 -20.50
C SER A 277 5.66 -2.20 -21.39
N LYS A 278 6.85 -2.75 -21.26
CA LYS A 278 7.26 -3.88 -22.07
C LYS A 278 7.46 -5.19 -21.30
N TRP A 279 7.02 -5.22 -20.04
CA TRP A 279 7.20 -6.42 -19.24
C TRP A 279 6.35 -7.59 -19.73
N GLU A 280 6.97 -8.77 -19.80
CA GLU A 280 6.30 -9.97 -20.26
C GLU A 280 5.57 -10.69 -19.12
N TRP A 281 4.34 -10.28 -18.84
CA TRP A 281 3.57 -10.92 -17.79
C TRP A 281 3.06 -12.28 -18.28
N PRO A 282 2.80 -13.21 -17.36
CA PRO A 282 2.98 -13.00 -15.93
C PRO A 282 4.35 -13.36 -15.36
N ASN A 283 5.44 -13.03 -16.07
CA ASN A 283 6.76 -13.29 -15.50
C ASN A 283 6.84 -12.41 -14.25
N PRO A 284 7.14 -13.03 -13.10
CA PRO A 284 7.23 -12.31 -11.82
C PRO A 284 8.33 -11.27 -11.67
N VAL A 285 8.02 -10.19 -10.93
CA VAL A 285 8.99 -9.16 -10.63
C VAL A 285 9.56 -9.56 -9.27
N LEU A 286 10.87 -9.80 -9.22
CA LEU A 286 11.54 -10.21 -7.99
C LEU A 286 12.69 -9.27 -7.66
N LEU A 287 12.87 -8.96 -6.39
CA LEU A 287 13.95 -8.08 -5.99
C LEU A 287 15.20 -8.86 -5.63
N LYS A 288 15.04 -10.14 -5.29
CA LYS A 288 16.16 -11.00 -4.93
C LYS A 288 15.78 -12.47 -5.13
N GLN A 289 16.76 -13.37 -5.05
CA GLN A 289 16.49 -14.77 -5.21
C GLN A 289 15.86 -15.31 -3.94
N PRO A 290 14.75 -16.05 -4.09
CA PRO A 290 14.08 -16.59 -2.91
C PRO A 290 14.87 -17.75 -2.30
N GLU A 291 14.80 -17.89 -0.98
CA GLU A 291 15.50 -18.98 -0.31
C GLU A 291 14.49 -19.88 0.38
N GLU A 292 14.75 -21.19 0.35
CA GLU A 292 13.87 -22.16 0.97
C GLU A 292 14.05 -22.11 2.49
N CYS A 293 12.93 -22.07 3.22
CA CYS A 293 12.94 -22.04 4.67
C CYS A 293 11.74 -22.86 5.15
N ASN A 294 12.01 -24.03 5.72
CA ASN A 294 10.99 -24.95 6.22
C ASN A 294 9.73 -24.19 6.66
N LEU A 295 9.80 -23.66 7.87
CA LEU A 295 8.74 -22.88 8.51
C LEU A 295 7.26 -23.11 8.21
N ASN A 296 6.92 -23.88 7.18
CA ASN A 296 5.52 -24.16 6.89
C ASN A 296 4.69 -22.90 6.56
N LEU A 297 5.38 -21.80 6.30
CA LEU A 297 4.67 -20.57 5.97
C LEU A 297 4.34 -20.55 4.48
N PRO A 298 3.25 -19.89 4.09
CA PRO A 298 2.82 -19.80 2.70
C PRO A 298 3.83 -19.04 1.83
N VAL A 299 4.29 -19.67 0.76
CA VAL A 299 5.24 -19.05 -0.14
C VAL A 299 4.77 -19.09 -1.59
N TRP A 300 4.78 -17.96 -2.27
CA TRP A 300 4.38 -17.90 -3.67
C TRP A 300 5.44 -18.62 -4.48
N ASP A 301 5.04 -19.60 -5.27
CA ASP A 301 5.98 -20.38 -6.08
C ASP A 301 5.25 -21.30 -7.04
N PRO A 302 4.98 -20.83 -8.27
CA PRO A 302 4.27 -21.59 -9.31
C PRO A 302 4.83 -22.97 -9.57
N ARG A 303 6.10 -23.19 -9.23
CA ARG A 303 6.71 -24.49 -9.46
C ARG A 303 6.04 -25.57 -8.60
N VAL A 304 5.66 -25.21 -7.37
CA VAL A 304 5.03 -26.15 -6.43
C VAL A 304 3.58 -25.88 -6.08
N ASN A 305 3.07 -24.72 -6.46
CA ASN A 305 1.69 -24.37 -6.16
C ASN A 305 1.02 -23.99 -7.46
N PRO A 306 0.27 -24.91 -8.05
CA PRO A 306 -0.45 -24.74 -9.32
C PRO A 306 -1.37 -23.52 -9.30
N SER A 307 -1.88 -23.21 -8.12
CA SER A 307 -2.77 -22.07 -7.99
C SER A 307 -2.04 -20.74 -8.21
N ASP A 308 -0.74 -20.71 -7.95
CA ASP A 308 0.03 -19.47 -8.14
C ASP A 308 0.29 -19.22 -9.62
N ARG A 309 0.03 -20.23 -10.45
CA ARG A 309 0.24 -20.13 -11.88
C ARG A 309 -0.82 -19.27 -12.56
N TYR A 310 -1.92 -19.01 -11.85
CA TYR A 310 -3.00 -18.20 -12.39
C TYR A 310 -2.84 -16.70 -12.15
N HIS A 311 -1.82 -16.29 -11.40
CA HIS A 311 -1.59 -14.88 -11.10
C HIS A 311 -1.16 -14.13 -12.36
N LEU A 312 -1.86 -13.04 -12.65
CA LEU A 312 -1.59 -12.27 -13.85
C LEU A 312 -0.44 -11.28 -13.84
N MSE A 313 -0.17 -10.67 -12.69
CA MSE A 313 0.87 -9.67 -12.64
C MSE A 313 1.60 -9.76 -11.31
O MSE A 313 1.49 -8.87 -10.47
CB MSE A 313 0.22 -8.31 -12.80
CG MSE A 313 1.14 -7.13 -12.82
SE MSE A 313 0.08 -5.54 -12.98
CE MSE A 313 1.28 -4.47 -14.06
N PRO A 314 2.34 -10.84 -11.12
CA PRO A 314 3.08 -11.06 -9.87
C PRO A 314 4.28 -10.17 -9.57
N ILE A 315 4.23 -9.55 -8.40
CA ILE A 315 5.29 -8.68 -7.89
C ILE A 315 5.51 -9.24 -6.49
N ILE A 316 6.58 -10.01 -6.34
CA ILE A 316 6.89 -10.72 -5.10
C ILE A 316 7.66 -9.97 -4.03
N THR A 317 7.17 -10.01 -2.79
CA THR A 317 7.88 -9.35 -1.70
C THR A 317 9.14 -10.15 -1.43
N PRO A 318 10.27 -9.46 -1.22
CA PRO A 318 11.57 -10.08 -0.96
C PRO A 318 11.84 -10.77 0.37
N ALA A 319 11.04 -10.49 1.39
CA ALA A 319 11.28 -11.14 2.68
C ALA A 319 10.54 -12.47 2.78
N TYR A 320 11.09 -13.42 3.52
CA TYR A 320 10.44 -14.70 3.71
C TYR A 320 9.33 -14.49 4.73
N PRO A 321 8.13 -15.04 4.48
CA PRO A 321 7.69 -15.83 3.33
C PRO A 321 7.33 -14.93 2.16
N GLN A 322 8.02 -15.09 1.02
CA GLN A 322 7.70 -14.26 -0.15
C GLN A 322 6.25 -14.45 -0.58
N GLN A 323 5.58 -13.34 -0.86
CA GLN A 323 4.18 -13.41 -1.26
C GLN A 323 3.93 -12.51 -2.48
N ASN A 324 2.89 -12.79 -3.25
CA ASN A 324 2.57 -11.97 -4.42
C ASN A 324 1.73 -10.81 -3.91
N SER A 325 2.31 -9.61 -3.96
CA SER A 325 1.64 -8.40 -3.48
C SER A 325 0.55 -7.88 -4.39
N THR A 326 0.31 -8.57 -5.49
CA THR A 326 -0.70 -8.10 -6.41
C THR A 326 -1.52 -9.23 -6.98
N TYR A 327 -1.89 -10.20 -6.14
CA TYR A 327 -2.68 -11.31 -6.64
C TYR A 327 -4.11 -10.92 -6.93
N ASN A 328 -4.48 -9.69 -6.54
CA ASN A 328 -5.84 -9.18 -6.79
C ASN A 328 -5.98 -8.58 -8.19
N VAL A 329 -4.91 -8.57 -8.96
CA VAL A 329 -4.96 -8.03 -10.31
C VAL A 329 -5.78 -8.98 -11.19
N SER A 330 -6.62 -8.41 -12.05
CA SER A 330 -7.46 -9.20 -12.95
C SER A 330 -7.15 -8.77 -14.37
N VAL A 331 -7.76 -9.43 -15.35
CA VAL A 331 -7.52 -9.06 -16.73
C VAL A 331 -7.81 -7.58 -16.99
N SER A 332 -8.87 -7.07 -16.38
CA SER A 332 -9.20 -5.67 -16.58
C SER A 332 -8.11 -4.71 -16.09
N THR A 333 -7.75 -4.78 -14.82
CA THR A 333 -6.74 -3.86 -14.29
C THR A 333 -5.37 -3.97 -14.96
N ARG A 334 -4.91 -5.19 -15.23
CA ARG A 334 -3.60 -5.36 -15.86
C ARG A 334 -3.58 -4.68 -17.22
N MSE A 335 -4.63 -4.92 -18.00
CA MSE A 335 -4.78 -4.32 -19.32
C MSE A 335 -4.69 -2.79 -19.21
O MSE A 335 -3.96 -2.15 -19.96
CB MSE A 335 -6.14 -4.71 -19.88
CG MSE A 335 -6.13 -5.12 -21.34
SE MSE A 335 -7.81 -5.94 -21.80
CE MSE A 335 -8.74 -4.31 -22.28
N VAL A 336 -5.44 -2.23 -18.26
CA VAL A 336 -5.48 -0.80 -18.02
C VAL A 336 -4.09 -0.27 -17.70
N MSE A 337 -3.42 -0.95 -16.77
CA MSE A 337 -2.10 -0.53 -16.36
C MSE A 337 -1.05 -0.65 -17.47
O MSE A 337 -0.13 0.19 -17.56
CB MSE A 337 -1.69 -1.30 -15.12
CG MSE A 337 -2.51 -0.86 -13.92
SE MSE A 337 -1.88 -1.65 -12.29
CE MSE A 337 -0.01 -1.22 -12.45
N VAL A 338 -1.19 -1.66 -18.31
CA VAL A 338 -0.27 -1.84 -19.41
C VAL A 338 -0.37 -0.62 -20.31
N GLU A 339 -1.60 -0.20 -20.60
CA GLU A 339 -1.81 0.97 -21.44
C GLU A 339 -1.32 2.25 -20.82
N GLU A 340 -1.40 2.34 -19.51
CA GLU A 340 -0.95 3.52 -18.80
C GLU A 340 0.56 3.60 -18.85
N PHE A 341 1.22 2.45 -18.77
CA PHE A 341 2.67 2.40 -18.82
C PHE A 341 3.13 2.89 -20.19
N LYS A 342 2.49 2.41 -21.24
CA LYS A 342 2.87 2.80 -22.60
C LYS A 342 2.76 4.30 -22.84
N GLN A 343 1.71 4.91 -22.29
CA GLN A 343 1.53 6.34 -22.45
C GLN A 343 2.57 7.07 -21.62
N GLY A 344 2.90 6.51 -20.45
CA GLY A 344 3.91 7.11 -19.60
C GLY A 344 5.24 7.13 -20.33
N LEU A 345 5.53 6.04 -21.02
CA LEU A 345 6.77 5.92 -21.76
C LEU A 345 6.84 7.02 -22.81
N ALA A 346 5.74 7.18 -23.55
CA ALA A 346 5.65 8.16 -24.61
C ALA A 346 5.84 9.58 -24.11
N ILE A 347 5.20 9.89 -23.00
CA ILE A 347 5.32 11.23 -22.46
C ILE A 347 6.74 11.51 -22.00
N THR A 348 7.33 10.59 -21.25
CA THR A 348 8.69 10.80 -20.79
C THR A 348 9.64 10.90 -21.98
N ASP A 349 9.34 10.20 -23.06
CA ASP A 349 10.20 10.27 -24.23
C ASP A 349 10.34 11.71 -24.69
N GLU A 350 9.21 12.39 -24.82
CA GLU A 350 9.23 13.77 -25.25
C GLU A 350 9.74 14.70 -24.14
N ILE A 351 9.60 14.30 -22.89
CA ILE A 351 10.10 15.14 -21.81
C ILE A 351 11.63 15.12 -21.93
N LEU A 352 12.17 13.96 -22.32
CA LEU A 352 13.61 13.81 -22.47
C LEU A 352 14.11 14.58 -23.67
N LEU A 353 13.23 14.81 -24.64
CA LEU A 353 13.63 15.56 -25.84
C LEU A 353 13.26 17.03 -25.68
N SER A 354 12.69 17.39 -24.54
CA SER A 354 12.29 18.77 -24.26
C SER A 354 11.10 19.19 -25.09
N LYS A 355 10.35 18.21 -25.59
CA LYS A 355 9.16 18.49 -26.37
C LYS A 355 7.95 18.49 -25.44
N ALA A 356 8.24 18.38 -24.14
CA ALA A 356 7.20 18.37 -23.12
C ALA A 356 7.83 18.60 -21.74
N GLU A 357 7.03 19.08 -20.80
CA GLU A 357 7.48 19.35 -19.43
C GLU A 357 6.90 18.29 -18.49
N TRP A 358 7.62 18.04 -17.40
CA TRP A 358 7.21 17.04 -16.42
C TRP A 358 5.75 17.15 -15.99
N SER A 359 5.21 18.36 -16.02
CA SER A 359 3.82 18.53 -15.61
C SER A 359 2.87 17.68 -16.47
N LYS A 360 3.27 17.35 -17.68
CA LYS A 360 2.45 16.54 -18.58
C LYS A 360 2.30 15.10 -18.11
N LEU A 361 3.27 14.61 -17.35
CA LEU A 361 3.24 13.24 -16.84
C LEU A 361 2.17 13.15 -15.77
N PHE A 362 2.11 14.17 -14.92
CA PHE A 362 1.15 14.18 -13.83
C PHE A 362 -0.17 14.89 -14.13
N GLU A 363 -0.50 14.98 -15.40
CA GLU A 363 -1.75 15.60 -15.81
C GLU A 363 -2.79 14.49 -15.77
N ALA A 364 -3.93 14.77 -15.14
CA ALA A 364 -4.98 13.77 -15.02
C ALA A 364 -5.93 13.68 -16.21
N PRO A 365 -5.98 12.52 -16.89
CA PRO A 365 -6.88 12.37 -18.04
C PRO A 365 -8.30 12.40 -17.47
N ASN A 366 -9.25 13.00 -18.17
CA ASN A 366 -10.59 13.00 -17.60
C ASN A 366 -11.12 11.57 -17.62
N PHE A 367 -11.05 10.91 -16.48
CA PHE A 367 -11.53 9.55 -16.37
C PHE A 367 -12.98 9.53 -16.85
N PHE A 368 -13.71 10.58 -16.52
CA PHE A 368 -15.11 10.69 -16.89
C PHE A 368 -15.33 11.03 -18.35
N GLN A 369 -14.33 10.76 -19.18
CA GLN A 369 -14.45 11.06 -20.60
C GLN A 369 -13.66 10.14 -21.49
N LYS A 370 -12.91 9.21 -20.91
CA LYS A 370 -12.11 8.31 -21.74
C LYS A 370 -12.87 7.05 -22.14
N TYR A 371 -13.99 6.77 -21.48
CA TYR A 371 -14.77 5.59 -21.84
C TYR A 371 -16.14 5.99 -22.40
N LYS A 372 -16.67 5.16 -23.30
CA LYS A 372 -17.96 5.42 -23.92
C LYS A 372 -19.14 4.95 -23.07
N HIS A 373 -18.84 4.15 -22.05
CA HIS A 373 -19.86 3.62 -21.15
C HIS A 373 -19.34 3.51 -19.73
N TYR A 374 -20.23 3.72 -18.77
CA TYR A 374 -19.81 3.63 -17.38
C TYR A 374 -20.90 3.02 -16.52
N ILE A 375 -20.51 2.66 -15.31
CA ILE A 375 -21.42 2.14 -14.32
C ILE A 375 -21.15 3.05 -13.14
N VAL A 376 -22.21 3.57 -12.54
CA VAL A 376 -22.08 4.44 -11.39
C VAL A 376 -22.55 3.62 -10.20
N LEU A 377 -21.74 3.62 -9.15
CA LEU A 377 -22.05 2.87 -7.93
C LEU A 377 -22.41 3.85 -6.81
N LEU A 378 -23.59 3.68 -6.21
CA LEU A 378 -24.03 4.56 -5.14
C LEU A 378 -24.13 3.86 -3.80
N ALA A 379 -23.53 4.45 -2.78
CA ALA A 379 -23.59 3.90 -1.45
C ALA A 379 -24.08 4.98 -0.50
N SER A 380 -25.13 4.68 0.26
CA SER A 380 -25.71 5.62 1.20
C SER A 380 -25.88 5.00 2.58
N ALA A 381 -26.04 5.86 3.58
CA ALA A 381 -26.23 5.39 4.94
C ALA A 381 -26.96 6.49 5.69
N PRO A 382 -27.67 6.13 6.77
CA PRO A 382 -28.39 7.19 7.50
C PRO A 382 -27.49 8.15 8.27
N THR A 383 -26.23 7.76 8.53
CA THR A 383 -25.29 8.62 9.26
C THR A 383 -23.86 8.57 8.74
N GLU A 384 -23.12 9.66 8.93
CA GLU A 384 -21.72 9.75 8.48
C GLU A 384 -20.89 8.56 8.96
N LYS A 385 -21.12 8.12 10.19
CA LYS A 385 -20.38 6.98 10.74
C LYS A 385 -20.61 5.75 9.90
N GLN A 386 -21.87 5.51 9.55
CA GLN A 386 -22.24 4.36 8.74
C GLN A 386 -21.81 4.49 7.29
N ARG A 387 -21.85 5.71 6.75
CA ARG A 387 -21.43 5.94 5.38
C ARG A 387 -19.96 5.55 5.30
N LEU A 388 -19.22 5.86 6.36
CA LEU A 388 -17.79 5.50 6.41
C LEU A 388 -17.63 3.98 6.43
N GLU A 389 -18.37 3.30 7.31
CA GLU A 389 -18.27 1.84 7.41
C GLU A 389 -18.77 1.17 6.13
N TRP A 390 -20.00 1.51 5.75
CA TRP A 390 -20.64 0.96 4.57
C TRP A 390 -19.72 1.07 3.35
N VAL A 391 -19.24 2.29 3.06
CA VAL A 391 -18.36 2.50 1.92
C VAL A 391 -17.15 1.58 1.97
N GLY A 392 -16.63 1.36 3.17
CA GLY A 392 -15.49 0.48 3.30
C GLY A 392 -15.85 -0.94 2.89
N LEU A 393 -17.06 -1.36 3.23
CA LEU A 393 -17.50 -2.71 2.90
C LEU A 393 -17.73 -2.86 1.39
N VAL A 394 -18.51 -1.95 0.83
CA VAL A 394 -18.78 -2.02 -0.59
C VAL A 394 -17.49 -1.97 -1.42
N GLU A 395 -16.53 -1.15 -1.02
CA GLU A 395 -15.28 -1.05 -1.77
C GLU A 395 -14.59 -2.40 -1.91
N SER A 396 -14.62 -3.17 -0.83
CA SER A 396 -13.99 -4.48 -0.82
C SER A 396 -14.78 -5.49 -1.64
N LYS A 397 -15.95 -5.07 -2.12
CA LYS A 397 -16.81 -5.96 -2.90
C LYS A 397 -16.77 -5.67 -4.39
N ILE A 398 -16.28 -4.49 -4.77
CA ILE A 398 -16.26 -4.10 -6.16
C ILE A 398 -15.56 -5.07 -7.10
N ARG A 399 -14.50 -5.74 -6.64
CA ARG A 399 -13.82 -6.68 -7.51
C ARG A 399 -14.79 -7.76 -7.98
N ILE A 400 -15.76 -8.09 -7.13
CA ILE A 400 -16.76 -9.09 -7.50
C ILE A 400 -17.45 -8.67 -8.79
N LEU A 401 -17.96 -7.45 -8.83
CA LEU A 401 -18.63 -6.94 -10.01
C LEU A 401 -17.71 -7.00 -11.24
N VAL A 402 -16.48 -6.49 -11.08
CA VAL A 402 -15.49 -6.48 -12.16
C VAL A 402 -15.34 -7.91 -12.68
N GLY A 403 -15.40 -8.88 -11.77
CA GLY A 403 -15.29 -10.26 -12.17
C GLY A 403 -16.49 -10.69 -12.99
N SER A 404 -17.69 -10.33 -12.55
CA SER A 404 -18.89 -10.69 -13.29
C SER A 404 -18.82 -10.08 -14.68
N LEU A 405 -18.34 -8.83 -14.76
CA LEU A 405 -18.25 -8.14 -16.04
C LEU A 405 -17.26 -8.75 -17.02
N GLU A 406 -16.12 -9.20 -16.53
CA GLU A 406 -15.11 -9.79 -17.42
C GLU A 406 -15.64 -11.08 -18.07
N LYS A 407 -16.39 -11.86 -17.29
CA LYS A 407 -16.97 -13.12 -17.75
C LYS A 407 -18.18 -12.89 -18.66
N ASN A 408 -18.29 -11.68 -19.21
CA ASN A 408 -19.39 -11.31 -20.09
C ASN A 408 -18.88 -11.09 -21.52
N GLU A 409 -19.21 -12.03 -22.40
CA GLU A 409 -18.79 -12.00 -23.79
C GLU A 409 -18.66 -10.60 -24.39
N PHE A 410 -19.63 -9.74 -24.10
CA PHE A 410 -19.65 -8.38 -24.63
C PHE A 410 -18.67 -7.37 -24.04
N ILE A 411 -18.12 -7.65 -22.87
CA ILE A 411 -17.19 -6.72 -22.23
C ILE A 411 -15.72 -7.08 -22.29
N THR A 412 -14.89 -6.11 -22.66
CA THR A 412 -13.45 -6.32 -22.74
C THR A 412 -12.77 -6.07 -21.39
N LEU A 413 -13.11 -4.97 -20.74
CA LEU A 413 -12.54 -4.66 -19.43
C LEU A 413 -13.38 -3.64 -18.68
N ALA A 414 -13.21 -3.60 -17.36
CA ALA A 414 -13.93 -2.66 -16.50
C ALA A 414 -12.87 -1.94 -15.68
N HIS A 415 -12.83 -0.61 -15.78
CA HIS A 415 -11.83 0.16 -15.05
C HIS A 415 -12.46 0.95 -13.92
N VAL A 416 -12.25 0.49 -12.70
CA VAL A 416 -12.81 1.16 -11.55
C VAL A 416 -11.93 2.33 -11.09
N ASN A 417 -12.44 3.55 -11.22
CA ASN A 417 -11.69 4.70 -10.75
C ASN A 417 -11.65 4.56 -9.22
N PRO A 418 -10.46 4.26 -8.66
CA PRO A 418 -10.26 4.09 -7.22
C PRO A 418 -10.57 5.28 -6.31
N GLN A 419 -10.75 6.46 -6.89
CA GLN A 419 -11.06 7.63 -6.06
C GLN A 419 -12.57 7.85 -6.05
N SER A 420 -13.23 7.46 -4.97
CA SER A 420 -14.67 7.63 -4.85
C SER A 420 -14.91 9.07 -4.41
N PHE A 421 -16.14 9.54 -4.52
CA PHE A 421 -16.43 10.90 -4.13
C PHE A 421 -17.91 11.10 -3.76
N PRO A 422 -18.22 12.20 -3.05
CA PRO A 422 -19.58 12.56 -2.62
C PRO A 422 -20.57 12.72 -3.77
N ALA A 423 -21.77 12.14 -3.60
CA ALA A 423 -22.83 12.16 -4.61
C ALA A 423 -23.26 13.54 -5.11
N LYS A 430 -33.39 15.92 3.76
CA LYS A 430 -32.68 15.55 4.98
C LYS A 430 -31.19 15.83 4.88
N GLU A 431 -30.39 15.04 5.59
CA GLU A 431 -28.93 15.20 5.58
C GLU A 431 -28.28 14.02 4.89
N GLU A 432 -28.26 14.05 3.56
CA GLU A 432 -27.68 12.99 2.74
C GLU A 432 -26.23 12.65 3.09
N PHE A 433 -25.95 11.35 3.20
CA PHE A 433 -24.61 10.84 3.48
C PHE A 433 -24.35 9.74 2.44
N ARG A 434 -24.02 10.18 1.22
CA ARG A 434 -23.79 9.30 0.08
C ARG A 434 -22.48 9.46 -0.68
N THR A 435 -21.91 8.32 -1.08
CA THR A 435 -20.65 8.27 -1.82
C THR A 435 -20.88 7.55 -3.14
N MSE A 436 -20.01 7.76 -4.11
CA MSE A 436 -20.17 7.10 -5.40
C MSE A 436 -18.87 6.84 -6.15
O MSE A 436 -17.90 7.61 -6.04
CB MSE A 436 -21.12 7.89 -6.29
CG MSE A 436 -20.56 9.19 -6.86
SE MSE A 436 -21.75 10.03 -8.16
CE MSE A 436 -20.90 9.46 -9.81
N TRP A 437 -18.87 5.75 -6.92
CA TRP A 437 -17.72 5.37 -7.74
C TRP A 437 -18.14 5.38 -9.19
N VAL A 438 -17.17 5.57 -10.08
CA VAL A 438 -17.45 5.56 -11.51
C VAL A 438 -16.60 4.47 -12.13
N ILE A 439 -17.24 3.56 -12.84
CA ILE A 439 -16.48 2.48 -13.46
C ILE A 439 -16.51 2.60 -14.98
N GLY A 440 -15.32 2.56 -15.58
CA GLY A 440 -15.23 2.66 -17.03
C GLY A 440 -15.44 1.31 -17.67
N LEU A 441 -16.12 1.28 -18.80
CA LEU A 441 -16.36 0.03 -19.50
C LEU A 441 -15.87 0.12 -20.94
N VAL A 442 -15.48 -1.02 -21.48
CA VAL A 442 -15.06 -1.09 -22.87
C VAL A 442 -15.76 -2.32 -23.43
N PHE A 443 -16.47 -2.13 -24.53
CA PHE A 443 -17.20 -3.22 -25.16
C PHE A 443 -16.38 -3.86 -26.27
N LYS A 444 -16.66 -5.12 -26.58
CA LYS A 444 -15.96 -5.86 -27.63
C LYS A 444 -16.44 -5.41 -29.01
N ASP A 455 -29.42 -5.18 -20.46
CA ASP A 455 -28.14 -5.48 -21.12
C ASP A 455 -27.08 -5.86 -20.09
N LEU A 456 -26.88 -4.99 -19.10
CA LEU A 456 -25.92 -5.25 -18.03
C LEU A 456 -26.68 -5.35 -16.72
N THR A 457 -27.96 -4.98 -16.76
CA THR A 457 -28.85 -4.99 -15.60
C THR A 457 -28.75 -6.24 -14.73
N TYR A 458 -28.68 -7.41 -15.36
CA TYR A 458 -28.59 -8.65 -14.60
C TYR A 458 -27.30 -8.76 -13.79
N ASP A 459 -26.16 -8.37 -14.37
CA ASP A 459 -24.89 -8.44 -13.65
C ASP A 459 -24.82 -7.45 -12.49
N ILE A 460 -25.26 -6.21 -12.72
CA ILE A 460 -25.22 -5.22 -11.66
C ILE A 460 -26.24 -5.55 -10.59
N GLN A 461 -27.39 -6.10 -11.02
CA GLN A 461 -28.43 -6.45 -10.07
C GLN A 461 -27.87 -7.59 -9.23
N SER A 462 -27.18 -8.50 -9.90
CA SER A 462 -26.57 -9.64 -9.24
C SER A 462 -25.56 -9.15 -8.21
N PHE A 463 -24.79 -8.14 -8.59
CA PHE A 463 -23.78 -7.58 -7.72
C PHE A 463 -24.39 -6.95 -6.47
N THR A 464 -25.40 -6.10 -6.66
CA THR A 464 -26.03 -5.45 -5.52
C THR A 464 -26.63 -6.49 -4.55
N ASP A 465 -27.24 -7.55 -5.06
CA ASP A 465 -27.82 -8.57 -4.17
C ASP A 465 -26.71 -9.22 -3.34
N THR A 466 -25.58 -9.49 -3.99
CA THR A 466 -24.46 -10.12 -3.30
C THR A 466 -23.90 -9.20 -2.21
N VAL A 467 -23.85 -7.90 -2.50
CA VAL A 467 -23.34 -6.96 -1.52
C VAL A 467 -24.24 -6.94 -0.29
N TYR A 468 -25.55 -6.84 -0.52
CA TYR A 468 -26.50 -6.83 0.58
C TYR A 468 -26.45 -8.14 1.36
N ARG A 469 -26.37 -9.26 0.64
CA ARG A 469 -26.36 -10.57 1.26
C ARG A 469 -25.14 -10.83 2.15
N GLN A 470 -23.95 -10.60 1.60
CA GLN A 470 -22.72 -10.82 2.37
C GLN A 470 -22.63 -9.90 3.56
N ALA A 471 -22.98 -8.63 3.35
CA ALA A 471 -22.93 -7.61 4.41
C ALA A 471 -23.90 -7.92 5.55
N ILE A 472 -24.97 -8.65 5.24
CA ILE A 472 -25.95 -9.00 6.25
C ILE A 472 -25.57 -10.32 6.92
N ASN A 473 -25.10 -11.26 6.12
CA ASN A 473 -24.71 -12.56 6.64
C ASN A 473 -23.55 -12.39 7.61
N SER A 474 -22.69 -11.40 7.34
CA SER A 474 -21.55 -11.14 8.20
C SER A 474 -21.84 -10.11 9.29
N LYS A 475 -23.11 -10.00 9.67
CA LYS A 475 -23.53 -9.08 10.71
C LYS A 475 -22.94 -7.68 10.59
N MSE A 476 -22.67 -7.24 9.37
CA MSE A 476 -22.10 -5.91 9.18
C MSE A 476 -23.00 -5.01 8.36
O MSE A 476 -22.52 -4.13 7.63
CB MSE A 476 -20.72 -6.01 8.53
N PHE A 477 -24.31 -5.22 8.48
CA PHE A 477 -25.30 -4.42 7.74
C PHE A 477 -26.15 -3.62 8.71
N GLU A 478 -26.50 -2.39 8.32
CA GLU A 478 -27.31 -1.50 9.16
C GLU A 478 -28.54 -1.08 8.36
N VAL A 479 -29.68 -0.95 9.02
CA VAL A 479 -30.91 -0.58 8.33
C VAL A 479 -30.76 0.73 7.54
N ASP A 480 -31.26 0.68 6.31
CA ASP A 480 -31.20 1.81 5.39
C ASP A 480 -29.82 2.15 4.80
N MSE A 481 -28.90 1.18 4.87
CA MSE A 481 -27.60 1.36 4.23
C MSE A 481 -27.96 0.89 2.85
O MSE A 481 -28.52 -0.19 2.68
CB MSE A 481 -26.54 0.46 4.83
CG MSE A 481 -26.22 0.75 6.26
SE MSE A 481 -24.51 0.02 6.80
CE MSE A 481 -24.71 -1.79 6.21
N LYS A 482 -27.66 1.69 1.85
CA LYS A 482 -28.03 1.31 0.50
C LYS A 482 -26.90 1.30 -0.50
N ILE A 483 -27.07 0.47 -1.51
CA ILE A 483 -26.09 0.37 -2.58
C ILE A 483 -26.88 0.08 -3.84
N ALA A 484 -26.63 0.87 -4.87
CA ALA A 484 -27.32 0.71 -6.14
C ALA A 484 -26.39 1.09 -7.28
N ALA A 485 -26.57 0.45 -8.44
CA ALA A 485 -25.74 0.72 -9.61
C ALA A 485 -26.57 0.91 -10.89
N MSE A 486 -26.10 1.78 -11.76
CA MSE A 486 -26.79 2.04 -13.01
C MSE A 486 -25.81 2.25 -14.17
O MSE A 486 -24.87 3.04 -14.04
CB MSE A 486 -27.69 3.27 -12.85
N HIS A 487 -26.03 1.55 -15.27
CA HIS A 487 -25.18 1.68 -16.45
C HIS A 487 -25.52 3.01 -17.09
N VAL A 488 -24.50 3.70 -17.60
CA VAL A 488 -24.69 4.99 -18.23
C VAL A 488 -23.79 5.14 -19.45
N LYS A 489 -24.21 5.95 -20.41
CA LYS A 489 -23.38 6.20 -21.57
C LYS A 489 -22.57 7.46 -21.20
N ARG A 490 -21.38 7.60 -21.78
CA ARG A 490 -20.55 8.74 -21.48
C ARG A 490 -21.34 10.04 -21.49
N LYS A 491 -22.10 10.23 -22.55
CA LYS A 491 -22.89 11.44 -22.75
C LYS A 491 -23.88 11.77 -21.64
N GLN A 492 -24.42 10.75 -20.97
CA GLN A 492 -25.39 11.00 -19.90
C GLN A 492 -24.83 10.87 -18.48
N LEU A 493 -23.51 10.90 -18.36
CA LEU A 493 -22.83 10.79 -17.07
C LEU A 493 -22.84 12.17 -16.39
N HIS A 494 -22.83 13.22 -17.21
CA HIS A 494 -22.81 14.60 -16.73
C HIS A 494 -23.86 14.83 -15.66
N GLN A 495 -25.10 14.48 -15.95
CA GLN A 495 -26.20 14.68 -15.02
C GLN A 495 -26.06 13.95 -13.68
N LEU A 496 -25.13 13.01 -13.59
CA LEU A 496 -24.92 12.27 -12.35
C LEU A 496 -23.53 12.49 -11.78
N LEU A 497 -23.08 13.75 -11.67
CA LEU A 497 -21.74 13.97 -11.14
C LEU A 497 -21.54 15.05 -10.05
N PRO A 498 -21.36 16.34 -10.43
CA PRO A 498 -21.15 17.36 -9.39
C PRO A 498 -22.00 17.17 -8.15
MN MN B . -1.92 1.49 9.04
MN MN C . -0.20 3.55 6.51
MN MN D . -1.19 3.05 3.07
PG 3AT E . 0.75 4.31 0.96
O1G 3AT E . 0.11 4.96 2.10
O2G 3AT E . -0.16 3.80 -0.05
O3G 3AT E . 1.83 5.18 0.41
PB 3AT E . 1.01 1.42 1.17
O1B 3AT E . -0.28 1.00 1.79
O2B 3AT E . 2.14 0.64 0.71
O3B 3AT E . 1.41 2.97 1.53
PA 3AT E . 1.90 1.81 4.08
O1A 3AT E . 3.20 2.47 3.91
O2A 3AT E . 0.78 2.59 4.69
O3A 3AT E . 1.48 1.12 2.66
O5' 3AT E . 2.14 0.47 4.87
C5' 3AT E . 3.03 -0.59 4.42
C4' 3AT E . 2.37 -1.95 4.48
O4' 3AT E . 1.83 -2.12 5.81
C3' 3AT E . 1.23 -2.18 3.49
C2' 3AT E . 0.03 -2.17 4.39
O2' 3AT E . -1.02 -2.99 3.93
C1' 3AT E . 0.52 -2.67 5.75
N9 3AT E . -0.29 -2.13 6.88
C8 3AT E . -0.49 -0.82 7.26
N7 3AT E . -1.26 -0.66 8.30
C5 3AT E . -1.59 -1.96 8.62
C6 3AT E . -2.42 -2.52 9.65
N6 3AT E . -3.04 -1.76 10.53
N1 3AT E . -2.55 -3.87 9.71
C2 3AT E . -1.92 -4.63 8.80
N3 3AT E . -1.12 -4.25 7.79
C4 3AT E . -1.01 -2.87 7.76
PG 3PO F . -4.41 4.76 2.53
O1G 3PO F . -3.58 3.78 1.79
O2G 3PO F . -3.94 6.15 2.46
O3G 3PO F . -5.87 4.58 2.17
PB 3PO F . -3.12 4.79 5.22
O1B 3PO F . -3.70 5.78 6.16
O2B 3PO F . -1.86 5.15 4.54
O3B 3PO F . -4.26 4.38 4.11
PA 3PO F . -2.99 1.91 5.73
O1A 3PO F . -4.34 1.55 5.29
O2A 3PO F . -1.83 1.50 4.89
O3A 3PO F . -2.99 3.47 6.02
O5' 3PO F . -2.81 1.39 7.18
#